data_5XCZ
#
_entry.id   5XCZ
#
_cell.length_a   54.502
_cell.length_b   66.951
_cell.length_c   85.116
_cell.angle_alpha   90.00
_cell.angle_beta   90.00
_cell.angle_gamma   90.00
#
_symmetry.space_group_name_H-M   'P 21 21 21'
#
loop_
_entity.id
_entity.type
_entity.pdbx_description
1 polymer Glucanase
2 branched beta-D-glucopyranose-(1-4)-alpha-D-glucopyranose
3 non-polymer 2-AMINO-2-HYDROXYMETHYL-PROPANE-1,3-DIOL
4 water water
#
_entity_poly.entity_id   1
_entity_poly.type   'polypeptide(L)'
_entity_poly.pdbx_seq_one_letter_code
;SANNPWTGFQIFLSPYYANEVAAAAKQITDPTLSSKAASVANIPTFTWLDSVAKIPDLGTYLASASALGKSTGTKQLVQI
VIYDLPDRDCAAKASNGEFSIANNGQANYENYIDQIVAQIQQFPDVRVVAVIEPDSLANLVTNLNVQKCANAKTTYLACV
NYALTNLAKVGVYMYMDAGHAGWLGWPANLSPAAQLFTQVWQNAGKSPFIKGLATNVANYNALQAASPDPITQGNPNYDE
IHYINALAPLLQQAGWDATFIVDQGRSGVQNIRQQWGDWCNIKGAGFGTRPTTNTGSQFIDSIVWVKPGGECDGTSNSSS
PRYDSTCSLPDAAQPAPEAGTWFQAYFQTLVSAANPPL
;
_entity_poly.pdbx_strand_id   A
#
# COMPACT_ATOMS: atom_id res chain seq x y z
N SER A 1 -17.69 13.97 -5.70
CA SER A 1 -16.43 14.39 -5.11
C SER A 1 -15.84 15.57 -5.90
N ALA A 2 -15.06 16.42 -5.22
CA ALA A 2 -14.50 17.61 -5.85
C ALA A 2 -13.00 17.55 -6.12
N ASN A 3 -12.24 16.92 -5.23
CA ASN A 3 -10.81 17.14 -5.11
C ASN A 3 -10.07 15.81 -5.30
N ASN A 4 -9.70 15.49 -6.56
CA ASN A 4 -8.86 14.31 -6.81
C ASN A 4 -7.40 14.72 -6.73
N PRO A 5 -6.61 14.17 -5.82
CA PRO A 5 -5.24 14.68 -5.62
C PRO A 5 -4.37 14.61 -6.87
N TRP A 6 -4.70 13.75 -7.83
CA TRP A 6 -3.87 13.55 -9.02
C TRP A 6 -4.15 14.57 -10.12
N THR A 7 -5.35 15.17 -10.15
CA THR A 7 -5.72 16.11 -11.20
C THR A 7 -4.73 17.27 -11.24
N GLY A 8 -4.22 17.54 -12.43
CA GLY A 8 -3.31 18.66 -12.61
C GLY A 8 -1.92 18.44 -12.07
N PHE A 9 -1.55 17.21 -11.75
CA PHE A 9 -0.21 16.94 -11.26
C PHE A 9 0.48 15.90 -12.13
N GLN A 10 1.80 15.98 -12.14
CA GLN A 10 2.66 14.98 -12.76
C GLN A 10 3.26 14.14 -11.64
N ILE A 11 3.10 12.82 -11.73
CA ILE A 11 3.62 11.94 -10.68
C ILE A 11 5.13 11.83 -10.79
N PHE A 12 5.82 11.93 -9.67
CA PHE A 12 7.26 11.76 -9.61
C PHE A 12 7.58 10.27 -9.53
N LEU A 13 8.31 9.77 -10.53
CA LEU A 13 8.63 8.35 -10.54
C LEU A 13 9.60 8.01 -9.42
N SER A 14 9.36 6.87 -8.77
CA SER A 14 10.20 6.44 -7.66
C SER A 14 11.64 6.17 -8.11
N PRO A 15 12.64 6.90 -7.59
CA PRO A 15 14.03 6.54 -7.93
C PRO A 15 14.48 5.27 -7.24
N TYR A 16 13.91 4.95 -6.08
CA TYR A 16 14.25 3.71 -5.39
C TYR A 16 13.84 2.51 -6.22
N TYR A 17 12.58 2.49 -6.64
CA TYR A 17 12.13 1.43 -7.53
C TYR A 17 12.93 1.44 -8.82
N ALA A 18 13.18 2.61 -9.39
CA ALA A 18 13.89 2.70 -10.66
C ALA A 18 15.25 2.04 -10.57
N ASN A 19 15.96 2.24 -9.45
CA ASN A 19 17.27 1.63 -9.28
C ASN A 19 17.16 0.11 -9.13
N GLU A 20 16.09 -0.37 -8.49
CA GLU A 20 15.90 -1.81 -8.43
C GLU A 20 15.58 -2.38 -9.80
N VAL A 21 14.72 -1.69 -10.56
CA VAL A 21 14.28 -2.19 -11.86
C VAL A 21 15.43 -2.13 -12.87
N ALA A 22 16.21 -1.05 -12.87
CA ALA A 22 17.33 -0.98 -13.81
C ALA A 22 18.32 -2.11 -13.55
N ALA A 23 18.54 -2.44 -12.27
CA ALA A 23 19.43 -3.53 -11.92
C ALA A 23 18.83 -4.89 -12.30
N ALA A 24 17.54 -5.08 -12.08
CA ALA A 24 16.92 -6.35 -12.39
C ALA A 24 16.84 -6.60 -13.89
N ALA A 25 16.63 -5.56 -14.70
CA ALA A 25 16.43 -5.79 -16.13
C ALA A 25 17.73 -6.20 -16.82
N LYS A 26 18.87 -5.71 -16.36
CA LYS A 26 20.10 -6.09 -17.03
C LYS A 26 20.47 -7.54 -16.76
N GLN A 27 19.85 -8.16 -15.74
CA GLN A 27 20.07 -9.56 -15.44
C GLN A 27 19.06 -10.49 -16.13
N ILE A 28 18.11 -9.95 -16.88
CA ILE A 28 17.10 -10.77 -17.55
C ILE A 28 17.61 -11.13 -18.95
N THR A 29 17.72 -12.43 -19.22
CA THR A 29 18.48 -12.90 -20.39
C THR A 29 17.73 -12.66 -21.69
N ASP A 30 16.41 -12.87 -21.70
CA ASP A 30 15.64 -12.59 -22.92
C ASP A 30 15.71 -11.10 -23.24
N PRO A 31 16.04 -10.72 -24.49
CA PRO A 31 16.25 -9.29 -24.78
C PRO A 31 14.99 -8.45 -24.79
N THR A 32 13.89 -8.95 -25.36
CA THR A 32 12.66 -8.16 -25.34
C THR A 32 12.06 -8.13 -23.93
N LEU A 33 12.12 -9.27 -23.23
CA LEU A 33 11.69 -9.30 -21.83
C LEU A 33 12.48 -8.30 -20.99
N SER A 34 13.78 -8.18 -21.25
CA SER A 34 14.60 -7.21 -20.52
C SER A 34 14.14 -5.79 -20.83
N SER A 35 13.78 -5.53 -22.09
CA SER A 35 13.26 -4.22 -22.46
C SER A 35 11.97 -3.91 -21.71
N LYS A 36 11.04 -4.87 -21.70
CA LYS A 36 9.78 -4.71 -20.95
C LYS A 36 10.04 -4.43 -19.48
N ALA A 37 10.86 -5.26 -18.84
CA ALA A 37 11.16 -5.07 -17.41
C ALA A 37 11.71 -3.67 -17.17
N ALA A 38 12.67 -3.24 -18.00
CA ALA A 38 13.24 -1.91 -17.86
C ALA A 38 12.17 -0.83 -17.91
N SER A 39 11.10 -1.03 -18.70
CA SER A 39 10.05 -0.03 -18.84
C SER A 39 9.24 0.13 -17.57
N VAL A 40 9.29 -0.85 -16.65
CA VAL A 40 8.52 -0.78 -15.41
C VAL A 40 8.92 0.43 -14.59
N ALA A 41 10.16 0.93 -14.76
CA ALA A 41 10.64 2.06 -13.96
C ALA A 41 10.00 3.37 -14.37
N ASN A 42 9.26 3.39 -15.49
CA ASN A 42 8.50 4.54 -15.93
C ASN A 42 7.03 4.46 -15.51
N ILE A 43 6.65 3.45 -14.74
CA ILE A 43 5.29 3.32 -14.22
C ILE A 43 5.28 3.85 -12.78
N PRO A 44 4.39 4.78 -12.43
CA PRO A 44 4.44 5.35 -11.08
C PRO A 44 4.09 4.32 -10.00
N THR A 45 4.88 4.33 -8.93
CA THR A 45 4.71 3.43 -7.80
C THR A 45 4.84 4.23 -6.52
N PHE A 46 4.35 3.65 -5.43
CA PHE A 46 4.47 4.23 -4.10
C PHE A 46 5.78 3.82 -3.44
N THR A 47 6.47 4.78 -2.85
CA THR A 47 7.73 4.50 -2.16
C THR A 47 7.47 4.36 -0.67
N TRP A 48 7.94 3.25 -0.09
CA TRP A 48 7.60 2.89 1.29
C TRP A 48 8.61 3.48 2.27
N LEU A 49 8.12 4.32 3.19
CA LEU A 49 8.95 4.77 4.31
C LEU A 49 8.78 3.76 5.42
N ASP A 50 9.37 2.60 5.21
CA ASP A 50 9.20 1.46 6.10
C ASP A 50 10.26 1.42 7.18
N SER A 51 11.02 2.51 7.36
CA SER A 51 11.98 2.69 8.45
C SER A 51 12.58 4.10 8.42
N VAL A 52 13.05 4.56 9.58
CA VAL A 52 13.54 5.93 9.74
C VAL A 52 14.67 6.25 8.77
N ALA A 53 15.52 5.25 8.47
CA ALA A 53 16.63 5.47 7.55
C ALA A 53 16.14 5.91 6.17
N LYS A 54 14.88 5.61 5.83
CA LYS A 54 14.33 6.03 4.55
C LYS A 54 13.93 7.50 4.53
N ILE A 55 13.88 8.16 5.69
CA ILE A 55 13.39 9.53 5.71
C ILE A 55 14.26 10.46 4.89
N PRO A 56 15.60 10.38 4.94
CA PRO A 56 16.40 11.21 4.02
C PRO A 56 16.10 10.97 2.56
N ASP A 57 15.83 9.71 2.18
CA ASP A 57 15.35 9.44 0.82
C ASP A 57 14.17 10.33 0.48
N LEU A 58 13.19 10.43 1.38
CA LEU A 58 12.03 11.28 1.12
C LEU A 58 12.46 12.72 0.90
N GLY A 59 13.40 13.22 1.71
CA GLY A 59 14.08 14.47 1.45
C GLY A 59 14.54 14.61 0.01
N THR A 60 15.36 13.67 -0.50
CA THR A 60 15.86 13.85 -1.86
C THR A 60 14.74 13.73 -2.90
N TYR A 61 13.68 12.96 -2.63
CA TYR A 61 12.61 12.83 -3.62
C TYR A 61 11.79 14.12 -3.74
N LEU A 62 11.55 14.80 -2.62
CA LEU A 62 10.80 16.04 -2.70
C LEU A 62 11.60 17.10 -3.42
N ALA A 63 12.90 17.19 -3.10
CA ALA A 63 13.77 18.18 -3.73
C ALA A 63 13.93 17.92 -5.21
N SER A 64 14.11 16.65 -5.60
CA SER A 64 14.14 16.33 -7.02
C SER A 64 12.80 16.65 -7.66
N ALA A 65 11.69 16.35 -6.97
CA ALA A 65 10.38 16.66 -7.52
C ALA A 65 10.21 18.16 -7.71
N SER A 66 10.59 18.95 -6.72
CA SER A 66 10.51 20.41 -6.85
C SER A 66 11.26 20.88 -8.09
N ALA A 67 12.52 20.43 -8.23
CA ALA A 67 13.34 20.82 -9.38
C ALA A 67 12.71 20.35 -10.69
N LEU A 68 12.32 19.09 -10.77
CA LEU A 68 11.64 18.61 -11.97
C LEU A 68 10.47 19.51 -12.32
N GLY A 69 9.68 19.88 -11.32
CA GLY A 69 8.54 20.74 -11.56
C GLY A 69 8.93 22.08 -12.13
N LYS A 70 9.92 22.74 -11.51
CA LYS A 70 10.39 24.04 -12.02
C LYS A 70 10.92 23.94 -13.44
N SER A 71 11.67 22.87 -13.74
CA SER A 71 12.31 22.80 -15.05
C SER A 71 11.35 22.35 -16.14
N THR A 72 10.34 21.55 -15.80
CA THR A 72 9.37 21.10 -16.80
C THR A 72 8.09 21.92 -16.81
N GLY A 73 7.99 22.94 -15.95
CA GLY A 73 6.77 23.73 -15.84
C GLY A 73 5.55 22.93 -15.42
N THR A 74 5.73 21.92 -14.58
CA THR A 74 4.61 21.12 -14.07
C THR A 74 4.60 21.17 -12.55
N LYS A 75 3.48 20.75 -11.99
CA LYS A 75 3.37 20.51 -10.55
C LYS A 75 3.55 19.02 -10.32
N GLN A 76 4.44 18.67 -9.39
CA GLN A 76 4.83 17.28 -9.17
C GLN A 76 4.19 16.70 -7.91
N LEU A 77 3.98 15.39 -7.93
CA LEU A 77 3.31 14.65 -6.88
C LEU A 77 4.18 13.47 -6.48
N VAL A 78 4.41 13.33 -5.19
CA VAL A 78 5.27 12.28 -4.65
C VAL A 78 4.38 11.30 -3.88
N GLN A 79 4.59 10.01 -4.11
CA GLN A 79 3.72 8.96 -3.65
C GLN A 79 4.48 8.16 -2.60
N ILE A 80 3.95 8.11 -1.37
CA ILE A 80 4.67 7.48 -0.27
C ILE A 80 3.71 6.62 0.55
N VAL A 81 4.31 5.79 1.40
CA VAL A 81 3.58 4.90 2.29
C VAL A 81 4.17 5.09 3.69
N ILE A 82 3.30 5.40 4.65
CA ILE A 82 3.67 5.46 6.05
C ILE A 82 3.53 4.04 6.59
N TYR A 83 4.65 3.43 7.00
CA TYR A 83 4.62 1.99 7.37
C TYR A 83 5.75 1.68 8.36
N ASP A 84 5.62 2.18 9.58
CA ASP A 84 6.65 1.93 10.59
C ASP A 84 6.05 1.96 11.99
N LEU A 85 4.82 1.46 12.11
CA LEU A 85 4.14 1.41 13.39
C LEU A 85 4.95 0.59 14.40
N PRO A 86 4.90 0.93 15.69
CA PRO A 86 5.39 0.01 16.71
C PRO A 86 4.54 -1.26 16.73
N ASP A 87 5.21 -2.40 16.93
CA ASP A 87 4.55 -3.71 16.85
C ASP A 87 3.83 -3.85 15.50
N ARG A 88 4.49 -3.40 14.44
CA ARG A 88 3.98 -3.48 13.07
C ARG A 88 3.73 -4.93 12.70
N ASP A 89 2.73 -5.15 11.85
CA ASP A 89 2.34 -6.48 11.38
C ASP A 89 1.94 -7.39 12.55
N CYS A 90 0.90 -6.96 13.28
CA CYS A 90 0.60 -7.64 14.53
C CYS A 90 -0.03 -9.02 14.36
N ALA A 91 -0.54 -9.38 13.19
CA ALA A 91 -1.15 -10.70 13.06
C ALA A 91 -0.35 -11.64 12.16
N ALA A 92 0.86 -11.22 11.75
CA ALA A 92 1.78 -12.05 10.99
C ALA A 92 3.17 -11.85 11.57
N LYS A 93 4.17 -12.51 10.98
CA LYS A 93 5.56 -12.33 11.38
C LYS A 93 6.45 -11.76 10.30
N ALA A 94 6.04 -11.82 9.02
CA ALA A 94 6.97 -11.56 7.92
C ALA A 94 7.45 -10.11 7.88
N SER A 95 6.62 -9.15 8.27
CA SER A 95 6.98 -7.75 8.12
C SER A 95 7.09 -7.02 9.45
N ASN A 96 7.43 -7.75 10.51
CA ASN A 96 7.79 -7.10 11.77
C ASN A 96 8.87 -6.04 11.51
N GLY A 97 8.64 -4.84 12.05
CA GLY A 97 9.46 -3.69 11.77
C GLY A 97 10.39 -3.33 12.91
N GLU A 98 11.02 -2.16 12.77
CA GLU A 98 12.13 -1.79 13.64
C GLU A 98 11.68 -1.24 14.99
N PHE A 99 10.42 -0.86 15.14
CA PHE A 99 9.95 -0.30 16.40
C PHE A 99 9.05 -1.30 17.11
N SER A 100 9.15 -1.32 18.43
CA SER A 100 8.26 -2.12 19.25
C SER A 100 7.79 -1.26 20.41
N ILE A 101 6.58 -1.57 20.89
CA ILE A 101 5.98 -0.80 21.97
C ILE A 101 6.86 -0.86 23.22
N ALA A 102 7.36 -2.05 23.56
CA ALA A 102 8.19 -2.20 24.74
C ALA A 102 9.57 -1.55 24.59
N ASN A 103 9.92 -1.07 23.41
CA ASN A 103 11.20 -0.40 23.22
C ASN A 103 10.97 1.03 22.72
N ASN A 104 10.28 1.83 23.54
CA ASN A 104 10.07 3.25 23.25
C ASN A 104 9.32 3.46 21.93
N GLY A 105 8.34 2.58 21.65
CA GLY A 105 7.73 2.57 20.34
C GLY A 105 6.95 3.83 20.02
N GLN A 106 6.08 4.23 20.95
CA GLN A 106 5.26 5.43 20.75
C GLN A 106 6.11 6.65 20.41
N ALA A 107 7.14 6.90 21.22
CA ALA A 107 7.98 8.07 21.00
C ALA A 107 8.74 7.96 19.68
N ASN A 108 9.34 6.80 19.43
CA ASN A 108 10.05 6.58 18.17
C ASN A 108 9.16 6.90 16.97
N TYR A 109 7.89 6.48 17.03
CA TYR A 109 7.00 6.71 15.90
C TYR A 109 6.66 8.20 15.76
N GLU A 110 6.35 8.85 16.87
CA GLU A 110 6.06 10.28 16.80
C GLU A 110 7.23 11.05 16.23
N ASN A 111 8.46 10.69 16.63
CA ASN A 111 9.65 11.32 16.03
C ASN A 111 9.77 10.98 14.54
N TYR A 112 9.45 9.73 14.18
CA TYR A 112 9.43 9.33 12.77
C TYR A 112 8.53 10.27 11.96
N ILE A 113 7.32 10.52 12.46
CA ILE A 113 6.36 11.36 11.74
C ILE A 113 6.83 12.82 11.73
N ASP A 114 7.28 13.31 12.87
CA ASP A 114 7.83 14.66 12.97
C ASP A 114 8.88 14.90 11.91
N GLN A 115 9.85 13.99 11.81
CA GLN A 115 10.93 14.15 10.84
C GLN A 115 10.38 14.13 9.41
N ILE A 116 9.36 13.32 9.15
CA ILE A 116 8.74 13.32 7.82
C ILE A 116 8.04 14.66 7.57
N VAL A 117 7.29 15.15 8.57
CA VAL A 117 6.61 16.43 8.42
C VAL A 117 7.62 17.55 8.12
N ALA A 118 8.77 17.52 8.80
CA ALA A 118 9.75 18.59 8.63
C ALA A 118 10.36 18.58 7.24
N GLN A 119 10.53 17.39 6.64
CA GLN A 119 10.92 17.31 5.23
C GLN A 119 9.86 17.93 4.32
N ILE A 120 8.63 17.42 4.41
CA ILE A 120 7.57 17.84 3.48
C ILE A 120 7.30 19.33 3.60
N GLN A 121 7.50 19.88 4.79
CA GLN A 121 7.26 21.29 5.06
C GLN A 121 8.19 22.20 4.27
N GLN A 122 9.36 21.70 3.85
CA GLN A 122 10.32 22.50 3.11
C GLN A 122 10.01 22.58 1.62
N PHE A 123 9.00 21.87 1.15
CA PHE A 123 8.66 21.83 -0.27
C PHE A 123 7.17 22.01 -0.43
N PRO A 124 6.66 23.22 -0.18
CA PRO A 124 5.23 23.48 -0.35
C PRO A 124 4.77 23.31 -1.79
N ASP A 125 5.66 23.43 -2.77
CA ASP A 125 5.29 23.36 -4.17
C ASP A 125 5.11 21.93 -4.67
N VAL A 126 5.41 20.93 -3.86
CA VAL A 126 5.32 19.51 -4.22
C VAL A 126 4.16 18.91 -3.45
N ARG A 127 3.23 18.28 -4.16
CA ARG A 127 2.14 17.56 -3.50
C ARG A 127 2.61 16.18 -3.10
N VAL A 128 2.14 15.72 -1.94
CA VAL A 128 2.40 14.38 -1.44
C VAL A 128 1.07 13.65 -1.30
N VAL A 129 1.06 12.39 -1.69
CA VAL A 129 -0.06 11.50 -1.41
C VAL A 129 0.50 10.33 -0.63
N ALA A 130 -0.07 10.07 0.56
CA ALA A 130 0.39 9.02 1.44
C ALA A 130 -0.69 7.96 1.67
N VAL A 131 -0.30 6.69 1.65
CA VAL A 131 -1.11 5.60 2.21
C VAL A 131 -0.70 5.42 3.66
N ILE A 132 -1.66 5.35 4.57
CA ILE A 132 -1.35 5.37 5.99
C ILE A 132 -1.42 3.95 6.53
N GLU A 133 -0.26 3.42 6.87
CA GLU A 133 -0.03 2.24 7.71
C GLU A 133 -0.79 1.01 7.23
N PRO A 134 -0.33 0.39 6.15
CA PRO A 134 -0.97 -0.84 5.68
C PRO A 134 -1.15 -1.87 6.79
N ASP A 135 -2.33 -2.49 6.79
CA ASP A 135 -2.73 -3.63 7.63
C ASP A 135 -3.19 -3.24 9.03
N SER A 136 -2.83 -2.04 9.49
CA SER A 136 -3.01 -1.70 10.89
C SER A 136 -4.50 -1.67 11.28
N LEU A 137 -5.28 -0.80 10.63
CA LEU A 137 -6.68 -0.66 11.01
C LEU A 137 -7.45 -1.94 10.75
N ALA A 138 -7.13 -2.63 9.65
CA ALA A 138 -7.87 -3.84 9.36
C ALA A 138 -7.62 -4.88 10.46
N ASN A 139 -6.38 -4.99 10.92
CA ASN A 139 -6.12 -5.87 12.05
C ASN A 139 -7.00 -5.51 13.24
N LEU A 140 -7.28 -4.22 13.45
CA LEU A 140 -8.13 -3.80 14.58
C LEU A 140 -9.61 -4.06 14.32
N VAL A 141 -10.01 -4.46 13.11
CA VAL A 141 -11.39 -4.88 12.87
C VAL A 141 -11.57 -6.37 13.15
N THR A 142 -10.69 -7.21 12.61
CA THR A 142 -10.90 -8.65 12.62
C THR A 142 -9.95 -9.42 13.52
N ASN A 143 -8.92 -8.79 14.08
CA ASN A 143 -7.85 -9.50 14.77
C ASN A 143 -7.66 -9.01 16.21
N LEU A 144 -8.75 -8.55 16.85
CA LEU A 144 -8.61 -8.03 18.21
C LEU A 144 -8.38 -9.12 19.23
N ASN A 145 -8.76 -10.35 18.90
CA ASN A 145 -8.45 -11.51 19.73
C ASN A 145 -7.02 -11.97 19.58
N VAL A 146 -6.27 -11.45 18.61
CA VAL A 146 -4.82 -11.62 18.58
C VAL A 146 -4.23 -10.73 19.67
N GLN A 147 -3.57 -11.35 20.65
CA GLN A 147 -3.11 -10.58 21.81
C GLN A 147 -2.09 -9.52 21.43
N LYS A 148 -1.23 -9.79 20.45
CA LYS A 148 -0.32 -8.74 19.99
C LYS A 148 -1.09 -7.55 19.44
N CYS A 149 -2.13 -7.80 18.64
CA CYS A 149 -2.94 -6.70 18.11
C CYS A 149 -3.71 -5.99 19.24
N ALA A 150 -4.34 -6.77 20.12
CA ALA A 150 -5.10 -6.18 21.23
C ALA A 150 -4.22 -5.30 22.11
N ASN A 151 -3.01 -5.76 22.42
CA ASN A 151 -2.09 -4.98 23.24
C ASN A 151 -1.62 -3.72 22.53
N ALA A 152 -1.63 -3.70 21.20
CA ALA A 152 -1.17 -2.56 20.44
C ALA A 152 -2.30 -1.71 19.88
N LYS A 153 -3.55 -2.03 20.21
CA LYS A 153 -4.69 -1.29 19.68
C LYS A 153 -4.58 0.20 19.96
N THR A 154 -4.39 0.55 21.23
CA THR A 154 -4.33 1.96 21.60
C THR A 154 -3.08 2.63 21.03
N THR A 155 -1.98 1.90 20.88
CA THR A 155 -0.81 2.47 20.23
C THR A 155 -1.08 2.71 18.74
N TYR A 156 -1.67 1.71 18.07
CA TYR A 156 -2.04 1.88 16.67
C TYR A 156 -2.92 3.11 16.47
N LEU A 157 -3.98 3.24 17.26
CA LEU A 157 -4.89 4.36 17.07
C LEU A 157 -4.22 5.70 17.37
N ALA A 158 -3.41 5.75 18.43
CA ALA A 158 -2.68 6.97 18.75
C ALA A 158 -1.70 7.34 17.64
N CYS A 159 -0.90 6.38 17.19
CA CYS A 159 0.07 6.66 16.14
C CYS A 159 -0.60 7.02 14.82
N VAL A 160 -1.64 6.26 14.41
CA VAL A 160 -2.33 6.60 13.16
C VAL A 160 -2.90 8.01 13.26
N ASN A 161 -3.49 8.33 14.42
CA ASN A 161 -3.98 9.69 14.64
C ASN A 161 -2.85 10.71 14.54
N TYR A 162 -1.70 10.40 15.12
CA TYR A 162 -0.59 11.33 15.08
C TYR A 162 -0.13 11.55 13.63
N ALA A 163 -0.03 10.48 12.84
CA ALA A 163 0.28 10.63 11.41
C ALA A 163 -0.74 11.51 10.71
N LEU A 164 -2.03 11.19 10.87
CA LEU A 164 -3.07 11.93 10.16
C LEU A 164 -3.07 13.40 10.56
N THR A 165 -3.05 13.66 11.85
CA THR A 165 -3.19 15.04 12.34
C THR A 165 -2.02 15.89 11.87
N ASN A 166 -0.82 15.33 11.91
CA ASN A 166 0.36 16.14 11.67
C ASN A 166 0.72 16.22 10.19
N LEU A 167 0.50 15.16 9.42
CA LEU A 167 0.68 15.26 7.98
C LEU A 167 -0.33 16.22 7.35
N ALA A 168 -1.52 16.35 7.96
CA ALA A 168 -2.50 17.32 7.45
C ALA A 168 -1.98 18.76 7.54
N LYS A 169 -1.21 19.08 8.56
CA LYS A 169 -0.71 20.45 8.71
C LYS A 169 0.26 20.85 7.61
N VAL A 170 0.91 19.90 6.94
CA VAL A 170 1.70 20.20 5.75
C VAL A 170 0.97 19.76 4.47
N GLY A 171 -0.36 19.65 4.52
CA GLY A 171 -1.12 19.50 3.30
C GLY A 171 -1.03 18.17 2.59
N VAL A 172 -0.72 17.08 3.30
CA VAL A 172 -0.56 15.78 2.68
C VAL A 172 -1.92 15.14 2.45
N TYR A 173 -2.18 14.70 1.22
CA TYR A 173 -3.38 13.94 0.92
C TYR A 173 -3.18 12.47 1.29
N MET A 174 -4.14 11.92 2.04
CA MET A 174 -3.92 10.67 2.74
C MET A 174 -5.08 9.70 2.52
N TYR A 175 -4.74 8.44 2.33
CA TYR A 175 -5.69 7.34 2.23
C TYR A 175 -5.31 6.32 3.28
N MET A 176 -6.16 6.13 4.30
CA MET A 176 -5.87 5.14 5.31
C MET A 176 -6.05 3.75 4.74
N ASP A 177 -5.12 2.85 5.05
CA ASP A 177 -5.24 1.51 4.55
C ASP A 177 -6.50 0.85 5.09
N ALA A 178 -7.20 0.13 4.23
CA ALA A 178 -8.47 -0.49 4.59
C ALA A 178 -8.53 -1.93 4.09
N GLY A 179 -7.40 -2.64 4.13
CA GLY A 179 -7.41 -4.05 3.76
C GLY A 179 -7.83 -4.26 2.32
N HIS A 180 -8.63 -5.30 2.10
CA HIS A 180 -9.04 -5.72 0.75
C HIS A 180 -10.34 -6.51 0.86
N ALA A 181 -10.87 -6.94 -0.29
CA ALA A 181 -12.21 -7.52 -0.35
C ALA A 181 -12.34 -8.83 0.43
N GLY A 182 -11.28 -9.65 0.46
CA GLY A 182 -11.31 -10.85 1.28
C GLY A 182 -11.06 -10.63 2.76
N TRP A 183 -10.70 -9.41 3.14
CA TRP A 183 -10.46 -9.07 4.54
C TRP A 183 -11.69 -8.36 5.09
N LEU A 184 -11.78 -7.05 4.84
CA LEU A 184 -12.90 -6.25 5.32
C LEU A 184 -14.08 -6.26 4.36
N GLY A 185 -13.97 -6.91 3.21
CA GLY A 185 -15.05 -6.85 2.23
C GLY A 185 -16.22 -7.77 2.51
N TRP A 186 -16.02 -8.80 3.34
CA TRP A 186 -17.08 -9.65 3.84
C TRP A 186 -18.24 -8.77 4.32
N PRO A 187 -19.46 -8.97 3.80
CA PRO A 187 -20.60 -8.12 4.19
C PRO A 187 -20.72 -7.89 5.69
N ALA A 188 -20.48 -8.91 6.53
CA ALA A 188 -20.60 -8.73 7.97
C ALA A 188 -19.51 -7.83 8.55
N ASN A 189 -18.39 -7.66 7.86
CA ASN A 189 -17.29 -6.81 8.31
C ASN A 189 -17.44 -5.36 7.88
N LEU A 190 -18.36 -5.06 6.95
CA LEU A 190 -18.42 -3.73 6.37
C LEU A 190 -18.74 -2.67 7.41
N SER A 191 -19.76 -2.91 8.25
CA SER A 191 -20.14 -1.91 9.26
C SER A 191 -19.08 -1.77 10.35
N PRO A 192 -18.55 -2.84 10.96
CA PRO A 192 -17.45 -2.65 11.92
C PRO A 192 -16.27 -1.89 11.32
N ALA A 193 -15.89 -2.23 10.09
CA ALA A 193 -14.84 -1.49 9.41
C ALA A 193 -15.21 -0.01 9.34
N ALA A 194 -16.41 0.31 8.84
CA ALA A 194 -16.81 1.71 8.67
C ALA A 194 -16.81 2.47 10.00
N GLN A 195 -17.29 1.82 11.07
CA GLN A 195 -17.31 2.48 12.36
C GLN A 195 -15.90 2.87 12.79
N LEU A 196 -14.93 1.97 12.59
CA LEU A 196 -13.54 2.28 12.91
C LEU A 196 -13.01 3.43 12.07
N PHE A 197 -13.15 3.33 10.75
CA PHE A 197 -12.60 4.37 9.89
C PHE A 197 -13.23 5.73 10.17
N THR A 198 -14.55 5.79 10.42
CA THR A 198 -15.17 7.07 10.71
C THR A 198 -14.77 7.59 12.09
N GLN A 199 -14.62 6.70 13.06
CA GLN A 199 -14.03 7.14 14.33
C GLN A 199 -12.63 7.72 14.12
N VAL A 200 -11.78 7.01 13.34
CA VAL A 200 -10.44 7.52 13.08
C VAL A 200 -10.51 8.85 12.34
N TRP A 201 -11.41 8.96 11.35
CA TRP A 201 -11.57 10.19 10.61
C TRP A 201 -12.03 11.33 11.53
N GLN A 202 -13.05 11.07 12.34
CA GLN A 202 -13.55 12.06 13.28
C GLN A 202 -12.47 12.48 14.28
N ASN A 203 -11.72 11.51 14.82
CA ASN A 203 -10.65 11.80 15.76
C ASN A 203 -9.56 12.67 15.16
N ALA A 204 -9.37 12.62 13.85
CA ALA A 204 -8.38 13.48 13.21
C ALA A 204 -8.99 14.78 12.73
N GLY A 205 -10.19 15.11 13.19
CA GLY A 205 -10.84 16.37 12.87
C GLY A 205 -11.51 16.45 11.52
N LYS A 206 -11.80 15.32 10.88
CA LYS A 206 -12.42 15.28 9.55
C LYS A 206 -11.67 16.13 8.53
N SER A 207 -10.37 16.30 8.73
CA SER A 207 -9.60 17.17 7.85
C SER A 207 -9.89 16.85 6.39
N PRO A 208 -10.03 17.85 5.53
CA PRO A 208 -10.21 17.58 4.09
C PRO A 208 -9.05 16.79 3.48
N PHE A 209 -7.88 16.74 4.13
CA PHE A 209 -6.78 15.99 3.54
C PHE A 209 -6.92 14.48 3.72
N ILE A 210 -7.74 14.03 4.67
CA ILE A 210 -8.07 12.62 4.75
C ILE A 210 -9.04 12.27 3.62
N LYS A 211 -8.50 11.93 2.46
CA LYS A 211 -9.32 11.69 1.29
C LYS A 211 -10.23 10.48 1.46
N GLY A 212 -9.71 9.41 2.04
CA GLY A 212 -10.44 8.17 2.15
C GLY A 212 -9.55 6.98 2.44
N LEU A 213 -9.74 5.89 1.69
CA LEU A 213 -9.17 4.60 2.00
C LEU A 213 -8.41 4.03 0.81
N ALA A 214 -7.40 3.21 1.11
CA ALA A 214 -6.69 2.44 0.12
C ALA A 214 -7.02 0.95 0.32
N THR A 215 -7.17 0.22 -0.78
CA THR A 215 -7.50 -1.20 -0.69
C THR A 215 -6.56 -2.02 -1.56
N ASN A 216 -6.45 -3.31 -1.24
CA ASN A 216 -5.68 -4.31 -1.96
C ASN A 216 -4.18 -4.08 -1.90
N VAL A 217 -3.71 -3.22 -1.00
CA VAL A 217 -2.29 -2.94 -0.93
C VAL A 217 -1.53 -4.22 -0.65
N ALA A 218 -0.54 -4.51 -1.50
CA ALA A 218 0.31 -5.69 -1.38
C ALA A 218 -0.49 -6.98 -1.50
N ASN A 219 -1.70 -6.91 -2.02
CA ASN A 219 -2.48 -8.12 -2.27
C ASN A 219 -2.65 -8.27 -3.78
N TYR A 220 -3.59 -9.13 -4.18
CA TYR A 220 -3.66 -9.58 -5.57
C TYR A 220 -5.09 -9.60 -6.10
N ASN A 221 -6.04 -9.03 -5.37
CA ASN A 221 -7.43 -9.14 -5.80
C ASN A 221 -7.62 -8.41 -7.11
N ALA A 222 -8.60 -8.88 -7.89
CA ALA A 222 -9.05 -8.15 -9.04
C ALA A 222 -9.77 -6.89 -8.60
N LEU A 223 -9.65 -5.83 -9.40
CA LEU A 223 -10.55 -4.69 -9.21
C LEU A 223 -11.94 -5.02 -9.71
N GLN A 224 -12.05 -5.51 -10.94
CA GLN A 224 -13.29 -6.00 -11.53
C GLN A 224 -13.04 -7.39 -12.11
N ALA A 225 -13.52 -8.42 -11.43
CA ALA A 225 -13.23 -9.79 -11.82
C ALA A 225 -14.10 -10.19 -13.02
N ALA A 226 -13.44 -10.70 -14.06
CA ALA A 226 -14.17 -11.34 -15.15
C ALA A 226 -15.07 -12.45 -14.62
N SER A 227 -14.51 -13.34 -13.80
CA SER A 227 -15.28 -14.30 -13.03
C SER A 227 -14.67 -14.43 -11.64
N PRO A 228 -15.48 -14.72 -10.62
CA PRO A 228 -14.97 -14.74 -9.24
C PRO A 228 -13.89 -15.80 -9.02
N ASP A 229 -12.79 -15.37 -8.42
CA ASP A 229 -11.71 -16.28 -8.03
C ASP A 229 -12.30 -17.38 -7.12
N PRO A 230 -11.91 -18.64 -7.31
CA PRO A 230 -12.49 -19.70 -6.46
C PRO A 230 -12.20 -19.53 -4.98
N ILE A 231 -11.13 -18.81 -4.62
CA ILE A 231 -10.85 -18.54 -3.21
C ILE A 231 -11.93 -17.67 -2.57
N THR A 232 -12.78 -17.02 -3.37
CA THR A 232 -13.71 -16.04 -2.84
C THR A 232 -15.04 -16.66 -2.45
N GLN A 233 -15.13 -17.99 -2.48
CA GLN A 233 -16.36 -18.71 -2.18
C GLN A 233 -16.94 -18.27 -0.84
N GLY A 234 -18.21 -17.84 -0.87
CA GLY A 234 -18.92 -17.37 0.29
C GLY A 234 -18.97 -15.87 0.45
N ASN A 235 -18.12 -15.13 -0.27
CA ASN A 235 -18.11 -13.67 -0.20
C ASN A 235 -18.76 -13.11 -1.47
N PRO A 236 -19.87 -12.39 -1.39
CA PRO A 236 -20.39 -11.76 -2.61
C PRO A 236 -19.50 -10.66 -3.12
N ASN A 237 -18.70 -10.03 -2.25
CA ASN A 237 -17.74 -9.00 -2.65
C ASN A 237 -16.42 -9.70 -2.97
N TYR A 238 -16.38 -10.32 -4.15
CA TYR A 238 -15.24 -11.12 -4.60
C TYR A 238 -14.14 -10.29 -5.25
N ASP A 239 -14.32 -8.98 -5.35
CA ASP A 239 -13.32 -8.13 -5.98
C ASP A 239 -13.40 -6.76 -5.37
N GLU A 240 -12.43 -5.91 -5.72
CA GLU A 240 -12.30 -4.66 -4.98
C GLU A 240 -13.41 -3.67 -5.32
N ILE A 241 -13.93 -3.71 -6.55
CA ILE A 241 -15.03 -2.82 -6.92
C ILE A 241 -16.29 -3.15 -6.13
N HIS A 242 -16.49 -4.43 -5.79
CA HIS A 242 -17.65 -4.81 -4.97
C HIS A 242 -17.45 -4.35 -3.53
N TYR A 243 -16.28 -4.64 -2.97
CA TYR A 243 -15.96 -4.18 -1.63
C TYR A 243 -16.21 -2.68 -1.52
N ILE A 244 -15.66 -1.91 -2.46
CA ILE A 244 -15.72 -0.45 -2.36
C ILE A 244 -17.13 0.06 -2.58
N ASN A 245 -17.87 -0.54 -3.53
CA ASN A 245 -19.26 -0.13 -3.75
C ASN A 245 -20.11 -0.38 -2.52
N ALA A 246 -19.74 -1.36 -1.69
CA ALA A 246 -20.50 -1.68 -0.48
C ALA A 246 -20.05 -0.89 0.75
N LEU A 247 -18.77 -0.54 0.84
CA LEU A 247 -18.27 0.17 2.01
C LEU A 247 -18.45 1.67 1.91
N ALA A 248 -18.15 2.25 0.74
CA ALA A 248 -18.17 3.70 0.59
C ALA A 248 -19.50 4.36 0.98
N PRO A 249 -20.67 3.80 0.65
CA PRO A 249 -21.93 4.43 1.11
C PRO A 249 -22.05 4.57 2.61
N LEU A 250 -21.53 3.62 3.39
CA LEU A 250 -21.55 3.75 4.85
C LEU A 250 -20.74 4.96 5.30
N LEU A 251 -19.61 5.22 4.64
CA LEU A 251 -18.79 6.36 5.00
C LEU A 251 -19.51 7.67 4.71
N GLN A 252 -20.31 7.70 3.65
CA GLN A 252 -21.02 8.91 3.28
C GLN A 252 -22.17 9.20 4.24
N GLN A 253 -22.82 8.16 4.76
CA GLN A 253 -23.87 8.35 5.78
C GLN A 253 -23.37 9.21 6.92
N ALA A 254 -22.12 9.01 7.35
CA ALA A 254 -21.54 9.81 8.41
C ALA A 254 -20.99 11.14 7.92
N GLY A 255 -21.21 11.49 6.65
CA GLY A 255 -20.80 12.78 6.15
C GLY A 255 -19.40 12.86 5.58
N TRP A 256 -18.73 11.73 5.43
CA TRP A 256 -17.38 11.66 4.87
C TRP A 256 -17.50 11.29 3.40
N ASP A 257 -17.26 12.26 2.53
CA ASP A 257 -17.24 12.03 1.09
C ASP A 257 -15.99 11.25 0.70
N ALA A 258 -15.94 9.97 1.08
CA ALA A 258 -14.70 9.21 1.07
C ALA A 258 -14.43 8.61 -0.31
N THR A 259 -13.20 8.75 -0.80
CA THR A 259 -12.83 8.11 -2.06
C THR A 259 -11.66 7.18 -1.84
N PHE A 260 -11.33 6.41 -2.88
CA PHE A 260 -10.47 5.24 -2.71
C PHE A 260 -9.36 5.22 -3.74
N ILE A 261 -8.26 4.55 -3.38
CA ILE A 261 -7.26 4.11 -4.34
C ILE A 261 -7.07 2.62 -4.15
N VAL A 262 -6.70 1.95 -5.24
CA VAL A 262 -6.71 0.50 -5.27
C VAL A 262 -5.40 0.04 -5.87
N ASP A 263 -4.63 -0.72 -5.11
CA ASP A 263 -3.43 -1.35 -5.63
C ASP A 263 -3.85 -2.37 -6.69
N GLN A 264 -3.22 -2.31 -7.87
CA GLN A 264 -3.34 -3.38 -8.87
C GLN A 264 -1.95 -3.80 -9.35
N GLY A 265 -0.90 -3.45 -8.60
CA GLY A 265 0.46 -3.67 -9.06
C GLY A 265 0.82 -5.13 -9.24
N ARG A 266 0.13 -6.04 -8.55
CA ARG A 266 0.37 -7.48 -8.68
C ARG A 266 -0.93 -8.24 -8.94
N SER A 267 -1.87 -7.59 -9.64
CA SER A 267 -3.20 -8.13 -9.82
C SER A 267 -3.45 -8.62 -11.24
N GLY A 268 -2.42 -8.63 -12.10
CA GLY A 268 -2.62 -8.96 -13.49
C GLY A 268 -3.04 -10.41 -13.71
N VAL A 269 -2.57 -11.32 -12.86
CA VAL A 269 -2.88 -12.74 -12.94
C VAL A 269 -3.80 -13.11 -11.78
N GLN A 270 -5.03 -13.50 -12.13
CA GLN A 270 -6.00 -13.97 -11.15
C GLN A 270 -5.88 -15.49 -10.97
N ASN A 271 -6.64 -16.01 -9.99
CA ASN A 271 -6.72 -17.45 -9.71
C ASN A 271 -5.36 -18.08 -9.46
N ILE A 272 -4.58 -17.47 -8.56
CA ILE A 272 -3.24 -17.97 -8.28
C ILE A 272 -3.08 -18.48 -6.87
N ARG A 273 -4.17 -18.59 -6.11
CA ARG A 273 -4.07 -18.89 -4.69
C ARG A 273 -4.92 -20.10 -4.33
N GLN A 274 -4.44 -20.85 -3.33
CA GLN A 274 -5.21 -21.95 -2.74
C GLN A 274 -6.30 -21.43 -1.80
N GLN A 275 -5.93 -20.50 -0.91
CA GLN A 275 -6.85 -19.83 0.00
C GLN A 275 -6.67 -18.33 -0.15
N TRP A 276 -7.77 -17.59 0.08
CA TRP A 276 -7.72 -16.13 -0.04
C TRP A 276 -6.66 -15.53 0.87
N GLY A 277 -6.54 -16.05 2.09
CA GLY A 277 -5.56 -15.54 3.05
C GLY A 277 -4.11 -15.80 2.71
N ASP A 278 -3.82 -16.43 1.56
CA ASP A 278 -2.45 -16.64 1.12
C ASP A 278 -1.95 -15.35 0.50
N TRP A 279 -1.14 -14.59 1.25
CA TRP A 279 -0.72 -13.26 0.80
C TRP A 279 0.75 -13.16 0.45
N CYS A 280 1.56 -14.19 0.74
CA CYS A 280 3.01 -14.04 0.73
C CYS A 280 3.62 -14.57 -0.57
N ASN A 281 4.21 -13.67 -1.37
CA ASN A 281 4.98 -14.04 -2.57
C ASN A 281 4.23 -15.00 -3.50
N ILE A 282 2.97 -14.70 -3.80
CA ILE A 282 2.14 -15.69 -4.51
C ILE A 282 2.76 -16.05 -5.86
N LYS A 283 3.06 -17.34 -6.06
CA LYS A 283 3.67 -17.81 -7.30
C LYS A 283 2.84 -17.42 -8.51
N GLY A 284 3.50 -16.85 -9.51
CA GLY A 284 2.87 -16.63 -10.80
C GLY A 284 2.07 -15.34 -10.93
N ALA A 285 2.32 -14.36 -10.09
CA ALA A 285 1.60 -13.11 -10.22
C ALA A 285 2.17 -12.30 -11.39
N GLY A 286 1.32 -11.50 -12.01
CA GLY A 286 1.80 -10.54 -12.98
C GLY A 286 1.50 -9.09 -12.60
N PHE A 287 2.28 -8.14 -13.11
CA PHE A 287 1.89 -6.73 -13.02
C PHE A 287 0.50 -6.56 -13.60
N GLY A 288 -0.33 -5.76 -12.93
CA GLY A 288 -1.69 -5.52 -13.33
C GLY A 288 -1.91 -4.17 -13.97
N THR A 289 -3.17 -3.72 -13.96
CA THR A 289 -3.57 -2.49 -14.62
C THR A 289 -2.70 -1.31 -14.19
N ARG A 290 -2.20 -0.56 -15.18
CA ARG A 290 -1.33 0.58 -14.91
C ARG A 290 -2.08 1.63 -14.11
N PRO A 291 -1.39 2.38 -13.25
CA PRO A 291 -2.07 3.45 -12.50
C PRO A 291 -2.77 4.42 -13.44
N THR A 292 -4.02 4.76 -13.10
CA THR A 292 -4.81 5.72 -13.86
C THR A 292 -5.91 6.26 -12.98
N THR A 293 -6.38 7.47 -13.30
CA THR A 293 -7.54 8.07 -12.64
C THR A 293 -8.85 7.74 -13.34
N ASN A 294 -8.78 7.09 -14.50
CA ASN A 294 -9.97 6.65 -15.23
C ASN A 294 -10.34 5.27 -14.70
N THR A 295 -11.03 5.28 -13.56
CA THR A 295 -11.25 4.09 -12.74
C THR A 295 -12.59 3.40 -13.01
N GLY A 296 -13.55 4.10 -13.61
CA GLY A 296 -14.86 3.53 -13.86
C GLY A 296 -15.76 3.40 -12.66
N SER A 297 -15.37 3.93 -11.51
CA SER A 297 -16.18 3.82 -10.29
C SER A 297 -16.27 5.18 -9.63
N GLN A 298 -17.48 5.54 -9.21
CA GLN A 298 -17.72 6.85 -8.61
C GLN A 298 -16.95 7.04 -7.31
N PHE A 299 -16.41 5.97 -6.73
CA PHE A 299 -15.74 6.04 -5.44
C PHE A 299 -14.21 6.03 -5.53
N ILE A 300 -13.64 5.82 -6.72
CA ILE A 300 -12.21 5.50 -6.82
C ILE A 300 -11.48 6.64 -7.50
N ASP A 301 -10.57 7.30 -6.75
CA ASP A 301 -9.75 8.36 -7.32
C ASP A 301 -8.71 7.80 -8.31
N SER A 302 -8.15 6.64 -8.02
CA SER A 302 -7.05 6.13 -8.84
C SER A 302 -6.85 4.65 -8.64
N ILE A 303 -6.57 3.95 -9.74
CA ILE A 303 -5.82 2.70 -9.65
C ILE A 303 -4.36 3.09 -9.41
N VAL A 304 -3.68 2.38 -8.54
CA VAL A 304 -2.31 2.72 -8.17
C VAL A 304 -1.49 1.44 -8.09
N TRP A 305 -0.16 1.61 -7.98
CA TRP A 305 0.76 0.54 -7.70
C TRP A 305 1.42 0.90 -6.37
N VAL A 306 0.96 0.27 -5.29
CA VAL A 306 1.46 0.63 -3.97
C VAL A 306 2.61 -0.30 -3.58
N LYS A 307 2.34 -1.60 -3.52
CA LYS A 307 3.42 -2.54 -3.20
C LYS A 307 4.31 -2.67 -4.43
N PRO A 308 5.62 -2.39 -4.31
CA PRO A 308 6.51 -2.48 -5.47
C PRO A 308 6.81 -3.92 -5.83
N GLY A 309 6.24 -4.37 -6.94
CA GLY A 309 6.38 -5.77 -7.33
C GLY A 309 7.84 -6.11 -7.55
N GLY A 310 8.27 -7.25 -7.01
CA GLY A 310 9.65 -7.62 -6.99
C GLY A 310 10.31 -7.46 -5.64
N GLU A 311 9.82 -6.56 -4.79
CA GLU A 311 10.30 -6.50 -3.43
C GLU A 311 9.62 -7.60 -2.62
N CYS A 312 10.42 -8.37 -1.88
CA CYS A 312 9.89 -9.59 -1.28
C CYS A 312 8.84 -9.29 -0.22
N ASP A 313 7.91 -10.23 -0.05
CA ASP A 313 6.88 -10.13 0.98
C ASP A 313 7.29 -10.75 2.30
N GLY A 314 8.29 -11.62 2.29
CA GLY A 314 8.73 -12.29 3.50
C GLY A 314 9.54 -13.52 3.19
N THR A 315 10.36 -13.90 4.16
CA THR A 315 11.35 -14.96 3.99
C THR A 315 10.70 -16.33 4.13
N SER A 316 11.25 -17.31 3.41
CA SER A 316 10.79 -18.68 3.52
C SER A 316 11.72 -19.52 4.39
N ASN A 317 12.75 -18.89 4.95
CA ASN A 317 13.74 -19.51 5.83
C ASN A 317 13.18 -19.56 7.25
N SER A 318 12.80 -20.76 7.71
CA SER A 318 12.16 -20.88 9.03
C SER A 318 13.11 -20.67 10.19
N SER A 319 14.39 -20.36 9.93
CA SER A 319 15.35 -20.01 10.96
C SER A 319 15.47 -18.50 11.17
N SER A 320 14.70 -17.68 10.41
CA SER A 320 14.69 -16.24 10.63
C SER A 320 13.63 -15.86 11.65
N PRO A 321 13.88 -14.89 12.52
CA PRO A 321 12.83 -14.47 13.47
C PRO A 321 11.59 -13.93 12.77
N ARG A 322 11.69 -13.54 11.50
CA ARG A 322 10.56 -13.03 10.73
C ARG A 322 9.93 -14.09 9.84
N TYR A 323 10.18 -15.36 10.13
CA TYR A 323 9.55 -16.43 9.36
C TYR A 323 8.05 -16.46 9.64
N ASP A 324 7.27 -16.50 8.59
CA ASP A 324 5.83 -16.69 8.67
C ASP A 324 5.50 -17.91 7.83
N SER A 325 4.82 -18.90 8.43
CA SER A 325 4.43 -20.10 7.70
C SER A 325 3.65 -19.80 6.42
N THR A 326 2.98 -18.64 6.33
CA THR A 326 2.33 -18.26 5.08
C THR A 326 3.33 -18.17 3.94
N CYS A 327 4.60 -17.86 4.23
CA CYS A 327 5.58 -17.70 3.16
C CYS A 327 6.18 -19.04 2.69
N SER A 328 5.66 -20.16 3.20
CA SER A 328 6.10 -21.49 2.80
C SER A 328 4.99 -22.30 2.16
N LEU A 329 3.85 -21.69 1.86
CA LEU A 329 2.72 -22.43 1.33
C LEU A 329 3.01 -22.87 -0.10
N PRO A 330 2.29 -23.88 -0.59
CA PRO A 330 2.55 -24.37 -1.96
C PRO A 330 2.35 -23.32 -3.03
N ASP A 331 1.53 -22.30 -2.80
CA ASP A 331 1.35 -21.24 -3.78
C ASP A 331 2.28 -20.05 -3.57
N ALA A 332 3.27 -20.18 -2.68
CA ALA A 332 4.21 -19.11 -2.40
C ALA A 332 5.58 -19.43 -3.01
N ALA A 333 6.14 -18.45 -3.72
CA ALA A 333 7.43 -18.66 -4.39
C ALA A 333 8.53 -18.85 -3.36
N GLN A 334 9.30 -19.93 -3.51
CA GLN A 334 10.36 -20.28 -2.57
C GLN A 334 11.55 -20.80 -3.35
N PRO A 335 12.79 -20.61 -2.84
CA PRO A 335 13.06 -19.90 -1.58
C PRO A 335 12.93 -18.39 -1.76
N ALA A 336 12.60 -17.69 -0.67
CA ALA A 336 12.31 -16.26 -0.75
C ALA A 336 13.12 -15.51 0.31
N PRO A 337 13.70 -14.34 -0.03
CA PRO A 337 14.53 -13.62 0.94
C PRO A 337 13.72 -12.83 1.96
N GLU A 338 14.37 -11.96 2.74
CA GLU A 338 13.67 -11.18 3.74
C GLU A 338 12.72 -10.17 3.08
N ALA A 339 11.59 -9.94 3.75
CA ALA A 339 10.60 -9.00 3.23
C ALA A 339 11.23 -7.64 3.00
N GLY A 340 10.81 -6.98 1.92
CA GLY A 340 11.42 -5.72 1.55
C GLY A 340 12.67 -5.83 0.71
N THR A 341 13.32 -7.00 0.65
CA THR A 341 14.49 -7.19 -0.18
C THR A 341 14.09 -7.64 -1.58
N TRP A 342 15.00 -7.43 -2.53
CA TRP A 342 14.71 -7.73 -3.93
C TRP A 342 14.63 -9.24 -4.17
N PHE A 343 13.66 -9.65 -4.99
CA PHE A 343 13.37 -11.06 -5.25
C PHE A 343 13.36 -11.17 -6.77
N GLN A 344 14.54 -11.44 -7.34
CA GLN A 344 14.77 -11.23 -8.76
C GLN A 344 13.88 -12.13 -9.62
N ALA A 345 13.71 -13.39 -9.21
CA ALA A 345 12.91 -14.33 -9.99
C ALA A 345 11.42 -14.00 -9.92
N TYR A 346 10.98 -13.44 -8.79
CA TYR A 346 9.59 -12.99 -8.70
C TYR A 346 9.33 -11.82 -9.63
N PHE A 347 10.29 -10.88 -9.71
CA PHE A 347 10.12 -9.73 -10.59
C PHE A 347 10.03 -10.17 -12.05
N GLN A 348 10.88 -11.11 -12.47
CA GLN A 348 10.80 -11.57 -13.87
C GLN A 348 9.44 -12.15 -14.21
N THR A 349 8.87 -12.95 -13.32
CA THR A 349 7.55 -13.49 -13.57
C THR A 349 6.50 -12.38 -13.60
N LEU A 350 6.63 -11.37 -12.72
CA LEU A 350 5.72 -10.22 -12.78
C LEU A 350 5.78 -9.56 -14.15
N VAL A 351 6.98 -9.41 -14.70
CA VAL A 351 7.11 -8.82 -16.03
C VAL A 351 6.52 -9.73 -17.10
N SER A 352 6.89 -11.02 -17.07
CA SER A 352 6.43 -11.93 -18.13
C SER A 352 4.92 -12.05 -18.14
N ALA A 353 4.31 -12.16 -16.96
CA ALA A 353 2.88 -12.40 -16.82
C ALA A 353 2.06 -11.12 -16.77
N ALA A 354 2.68 -9.94 -16.98
CA ALA A 354 1.95 -8.69 -16.83
C ALA A 354 0.70 -8.68 -17.69
N ASN A 355 -0.41 -8.22 -17.09
CA ASN A 355 -1.68 -8.11 -17.77
C ASN A 355 -2.32 -6.76 -17.44
N PRO A 356 -2.48 -5.85 -18.42
CA PRO A 356 -2.10 -5.97 -19.83
C PRO A 356 -0.58 -6.08 -20.05
N PRO A 357 -0.19 -6.73 -21.14
CA PRO A 357 1.24 -6.92 -21.40
C PRO A 357 2.00 -5.61 -21.38
N LEU A 358 3.27 -5.68 -20.97
CA LEU A 358 4.10 -4.49 -21.02
C LEU A 358 4.61 -4.33 -22.45
#